data_2O04
#
_entry.id   2O04
#
_cell.length_a   50.619
_cell.length_b   68.879
_cell.length_c   59.459
_cell.angle_alpha   90.00
_cell.angle_beta   113.14
_cell.angle_gamma   90.00
#
_symmetry.space_group_name_H-M   'P 1 21 1'
#
loop_
_entity.id
_entity.type
_entity.pdbx_description
1 polymer 'Pectate lyase'
2 branched 'alpha-D-galactopyranuronic acid-(1-4)-alpha-D-galactopyranuronic acid'
3 non-polymer 'CALCIUM ION'
4 water water
#
_entity_poly.entity_id   1
_entity_poly.type   'polypeptide(L)'
_entity_poly.pdbx_seq_one_letter_code
;ADLGHQTLGSNDGWGAYSTGTTGGSKASSSNVYTVSNRNQLVSALGKETNTTPKIIYIKGTIDMNVDDNLKPLGLNDYKD
PEYDLDKYLKAYDPSTWGKKEPSGTQEEARARSQKNQKARVMVDIPANTTIVGSGTNAKVVGGNFQIKSDNVIIRNIEFQ
DAYDYFPQWDPTDGSSGNWNSQYDNITINGGTHIWIDHCTFNDGSRPDSTSPKYYGRKYQHHDGQTDASNGANYITMSYN
YYHDHDKSSIFGSSDSKTSDDGKLKITLHHNRYKNIVQAAPRVRFGQVHVYNNYYEGSTSSSSYPFSYAWGIGKSSKIYA
QNNVIDVPGLSAAKTISVFSGGTALYDSGTLLNGTQINASAANGLSSSVGWTPSLHGSIDASANVKSNVINQAGAGKLN
;
_entity_poly.pdbx_strand_id   A
#
# COMPACT_ATOMS: atom_id res chain seq x y z
N ALA A 1 -1.20 0.20 -28.08
CA ALA A 1 -2.20 -0.60 -27.31
C ALA A 1 -2.91 0.27 -26.27
N ASP A 2 -4.14 -0.11 -25.90
CA ASP A 2 -4.85 0.58 -24.83
C ASP A 2 -4.32 0.12 -23.46
N LEU A 3 -4.84 0.71 -22.38
CA LEU A 3 -4.35 0.37 -21.04
C LEU A 3 -4.58 -1.09 -20.68
N GLY A 4 -5.68 -1.65 -21.19
CA GLY A 4 -5.98 -3.05 -20.96
C GLY A 4 -4.93 -3.98 -21.56
N HIS A 5 -4.36 -3.58 -22.69
CA HIS A 5 -3.45 -4.45 -23.44
C HIS A 5 -1.96 -4.13 -23.31
N GLN A 6 -1.64 -2.99 -22.73
CA GLN A 6 -0.23 -2.61 -22.54
C GLN A 6 0.47 -3.52 -21.52
N THR A 7 1.76 -3.70 -21.72
CA THR A 7 2.59 -4.46 -20.79
C THR A 7 3.60 -3.51 -20.14
N LEU A 8 4.18 -3.96 -19.03
CA LEU A 8 5.26 -3.22 -18.41
C LEU A 8 6.46 -3.23 -19.34
N GLY A 9 7.03 -2.06 -19.58
CA GLY A 9 8.20 -1.91 -20.44
C GLY A 9 9.35 -2.79 -19.98
N SER A 10 10.13 -3.29 -20.92
CA SER A 10 11.20 -4.26 -20.63
C SER A 10 12.33 -3.72 -19.76
N ASN A 11 12.35 -2.40 -19.55
CA ASN A 11 13.34 -1.74 -18.69
C ASN A 11 12.70 -1.05 -17.47
N ASP A 12 11.40 -1.24 -17.29
CA ASP A 12 10.67 -0.43 -16.31
C ASP A 12 10.62 -1.05 -14.92
N GLY A 13 11.76 -1.03 -14.23
CA GLY A 13 11.83 -1.47 -12.84
C GLY A 13 11.91 -2.96 -12.65
N TRP A 14 11.92 -3.38 -11.39
CA TRP A 14 12.08 -4.78 -11.03
C TRP A 14 10.97 -5.69 -11.59
N GLY A 15 9.79 -5.12 -11.84
CA GLY A 15 8.70 -5.89 -12.44
C GLY A 15 9.03 -6.46 -13.82
N ALA A 16 10.02 -5.86 -14.49
CA ALA A 16 10.42 -6.26 -15.84
C ALA A 16 11.45 -7.39 -15.86
N TYR A 17 11.89 -7.82 -14.68
CA TYR A 17 12.88 -8.89 -14.54
C TYR A 17 12.37 -10.23 -15.08
N SER A 18 13.30 -11.04 -15.60
CA SER A 18 13.02 -12.36 -16.19
C SER A 18 11.85 -12.36 -17.17
N THR A 19 10.76 -13.04 -16.81
CA THR A 19 9.58 -13.19 -17.66
C THR A 19 8.79 -11.89 -17.78
N GLY A 20 9.07 -10.94 -16.88
CA GLY A 20 8.46 -9.62 -16.91
C GLY A 20 7.00 -9.60 -16.53
N THR A 21 6.36 -8.45 -16.74
CA THR A 21 4.97 -8.26 -16.35
C THR A 21 4.11 -7.90 -17.55
N THR A 22 3.37 -8.89 -18.03
CA THR A 22 2.53 -8.73 -19.21
C THR A 22 1.04 -8.80 -18.85
N GLY A 23 0.76 -9.17 -17.60
CA GLY A 23 -0.61 -9.30 -17.10
C GLY A 23 -1.46 -10.18 -18.02
N GLY A 24 -2.62 -9.67 -18.39
CA GLY A 24 -3.53 -10.40 -19.26
C GLY A 24 -3.53 -9.88 -20.69
N SER A 25 -2.42 -9.25 -21.10
CA SER A 25 -2.33 -8.64 -22.43
C SER A 25 -2.66 -9.61 -23.56
N LYS A 26 -2.37 -10.89 -23.35
CA LYS A 26 -2.62 -11.91 -24.38
C LYS A 26 -4.01 -12.56 -24.30
N ALA A 27 -4.90 -11.94 -23.51
CA ALA A 27 -6.26 -12.43 -23.34
C ALA A 27 -6.99 -12.68 -24.66
N SER A 28 -7.65 -13.82 -24.75
CA SER A 28 -8.53 -14.10 -25.87
C SER A 28 -9.86 -13.38 -25.65
N SER A 29 -10.69 -13.36 -26.67
CA SER A 29 -11.93 -12.57 -26.68
C SER A 29 -12.83 -12.83 -25.46
N SER A 30 -12.99 -14.10 -25.10
CA SER A 30 -13.89 -14.49 -24.02
C SER A 30 -13.36 -14.16 -22.62
N ASN A 31 -12.13 -13.69 -22.54
CA ASN A 31 -11.51 -13.36 -21.25
C ASN A 31 -11.23 -11.87 -21.06
N VAL A 32 -11.98 -11.06 -21.78
CA VAL A 32 -11.98 -9.61 -21.59
C VAL A 32 -13.33 -9.20 -21.01
N TYR A 33 -13.29 -8.58 -19.83
CA TYR A 33 -14.49 -8.27 -19.06
C TYR A 33 -14.60 -6.79 -18.78
N THR A 34 -15.83 -6.30 -18.68
CA THR A 34 -16.11 -4.96 -18.17
C THR A 34 -17.02 -5.11 -16.96
N VAL A 35 -16.57 -4.55 -15.82
CA VAL A 35 -17.24 -4.75 -14.54
C VAL A 35 -17.58 -3.43 -13.85
N SER A 36 -18.75 -3.39 -13.21
CA SER A 36 -19.23 -2.16 -12.58
C SER A 36 -19.78 -2.36 -11.16
N ASN A 37 -19.66 -3.58 -10.65
CA ASN A 37 -20.07 -3.88 -9.28
C ASN A 37 -19.30 -5.08 -8.73
N ARG A 38 -19.46 -5.34 -7.44
CA ARG A 38 -18.74 -6.42 -6.78
C ARG A 38 -19.01 -7.79 -7.42
N ASN A 39 -20.28 -8.08 -7.71
CA ASN A 39 -20.65 -9.34 -8.35
C ASN A 39 -19.89 -9.58 -9.66
N GLN A 40 -19.91 -8.58 -10.54
CA GLN A 40 -19.23 -8.69 -11.82
C GLN A 40 -17.72 -8.83 -11.68
N LEU A 41 -17.15 -8.08 -10.74
CA LEU A 41 -15.71 -8.16 -10.47
C LEU A 41 -15.31 -9.56 -10.00
N VAL A 42 -16.04 -10.08 -9.01
CA VAL A 42 -15.77 -11.40 -8.45
C VAL A 42 -15.95 -12.49 -9.52
N SER A 43 -17.00 -12.37 -10.33
CA SER A 43 -17.22 -13.30 -11.45
C SER A 43 -16.06 -13.29 -12.46
N ALA A 44 -15.59 -12.10 -12.84
CA ALA A 44 -14.48 -11.96 -13.77
C ALA A 44 -13.17 -12.52 -13.23
N LEU A 45 -12.88 -12.27 -11.96
CA LEU A 45 -11.66 -12.76 -11.35
C LEU A 45 -11.65 -14.28 -11.23
N GLY A 46 -12.78 -14.85 -10.83
CA GLY A 46 -12.89 -16.29 -10.61
C GLY A 46 -11.97 -16.72 -9.49
N LYS A 47 -11.52 -17.98 -9.55
CA LYS A 47 -10.68 -18.55 -8.51
C LYS A 47 -9.21 -18.56 -8.93
N GLU A 48 -8.35 -19.14 -8.10
CA GLU A 48 -6.91 -19.16 -8.35
C GLU A 48 -6.58 -19.97 -9.61
N THR A 49 -7.47 -20.90 -9.97
CA THR A 49 -7.34 -21.70 -11.18
C THR A 49 -7.62 -20.93 -12.47
N ASN A 50 -8.11 -19.70 -12.33
CA ASN A 50 -8.37 -18.83 -13.48
C ASN A 50 -7.08 -18.14 -13.94
N THR A 51 -6.17 -18.92 -14.51
CA THR A 51 -4.83 -18.45 -14.89
C THR A 51 -4.72 -18.04 -16.36
N THR A 52 -5.77 -18.23 -17.15
CA THR A 52 -5.72 -17.73 -18.53
C THR A 52 -5.56 -16.22 -18.52
N PRO A 53 -4.77 -15.68 -19.47
CA PRO A 53 -4.68 -14.23 -19.62
C PRO A 53 -6.08 -13.60 -19.66
N LYS A 54 -6.30 -12.63 -18.78
CA LYS A 54 -7.58 -11.94 -18.71
C LYS A 54 -7.40 -10.44 -18.52
N ILE A 55 -8.32 -9.67 -19.09
CA ILE A 55 -8.32 -8.21 -18.94
C ILE A 55 -9.66 -7.80 -18.31
N ILE A 56 -9.58 -7.01 -17.26
CA ILE A 56 -10.77 -6.54 -16.56
C ILE A 56 -10.80 -5.02 -16.54
N TYR A 57 -11.75 -4.45 -17.28
CA TYR A 57 -11.96 -3.01 -17.27
C TYR A 57 -12.97 -2.67 -16.18
N ILE A 58 -12.56 -1.79 -15.26
CA ILE A 58 -13.46 -1.30 -14.22
C ILE A 58 -14.17 -0.03 -14.68
N LYS A 59 -15.49 -0.07 -14.66
CA LYS A 59 -16.31 1.05 -15.07
C LYS A 59 -17.05 1.63 -13.86
N GLY A 60 -16.71 2.85 -13.50
CA GLY A 60 -17.33 3.55 -12.37
C GLY A 60 -16.85 3.07 -11.01
N THR A 61 -17.73 3.19 -10.02
CA THR A 61 -17.39 2.90 -8.63
C THR A 61 -17.82 1.49 -8.23
N ILE A 62 -16.86 0.71 -7.70
CA ILE A 62 -17.17 -0.62 -7.18
C ILE A 62 -16.99 -0.62 -5.66
N ASP A 63 -18.13 -0.67 -4.97
CA ASP A 63 -18.17 -0.75 -3.51
C ASP A 63 -18.10 -2.23 -3.10
N MET A 64 -17.09 -2.57 -2.31
CA MET A 64 -16.88 -3.96 -1.91
C MET A 64 -17.65 -4.37 -0.65
N ASN A 65 -18.10 -3.40 0.13
CA ASN A 65 -18.94 -3.67 1.30
C ASN A 65 -20.41 -3.80 0.90
N VAL A 66 -20.72 -4.85 0.14
CA VAL A 66 -22.08 -5.13 -0.32
C VAL A 66 -22.36 -6.62 -0.31
N ASP A 67 -23.63 -7.00 -0.16
CA ASP A 67 -24.01 -8.40 -0.21
C ASP A 67 -24.18 -8.85 -1.67
N ASP A 68 -24.67 -10.07 -1.87
CA ASP A 68 -24.78 -10.63 -3.22
C ASP A 68 -25.85 -9.95 -4.07
N ASN A 69 -26.70 -9.14 -3.42
CA ASN A 69 -27.68 -8.31 -4.11
C ASN A 69 -27.23 -6.86 -4.25
N LEU A 70 -25.96 -6.61 -3.92
CA LEU A 70 -25.33 -5.28 -4.01
C LEU A 70 -25.88 -4.27 -3.01
N LYS A 71 -26.54 -4.76 -1.96
CA LYS A 71 -27.00 -3.89 -0.88
C LYS A 71 -25.82 -3.57 0.05
N PRO A 72 -25.63 -2.28 0.40
CA PRO A 72 -24.51 -1.89 1.26
C PRO A 72 -24.53 -2.59 2.62
N LEU A 73 -23.35 -2.95 3.11
CA LEU A 73 -23.18 -3.60 4.41
C LEU A 73 -22.33 -2.73 5.32
N GLY A 74 -22.74 -2.63 6.58
CA GLY A 74 -22.02 -1.86 7.59
C GLY A 74 -21.73 -2.67 8.83
N LEU A 75 -21.39 -1.97 9.93
CA LEU A 75 -20.99 -2.61 11.18
C LEU A 75 -21.97 -3.67 11.67
N ASN A 76 -23.24 -3.31 11.75
CA ASN A 76 -24.26 -4.21 12.29
C ASN A 76 -24.57 -5.43 11.42
N ASP A 77 -24.22 -5.34 10.14
CA ASP A 77 -24.36 -6.48 9.22
C ASP A 77 -23.23 -7.49 9.42
N TYR A 78 -22.04 -7.00 9.75
CA TYR A 78 -20.86 -7.84 9.91
C TYR A 78 -20.71 -8.37 11.34
N LYS A 79 -21.29 -7.64 12.29
CA LYS A 79 -21.06 -7.89 13.72
C LYS A 79 -21.47 -9.31 14.14
N ASP A 80 -20.57 -9.99 14.85
CA ASP A 80 -20.90 -11.23 15.53
C ASP A 80 -21.92 -10.91 16.63
N PRO A 81 -22.95 -11.77 16.81
CA PRO A 81 -23.97 -11.54 17.84
C PRO A 81 -23.43 -11.25 19.25
N GLU A 82 -22.23 -11.75 19.56
CA GLU A 82 -21.62 -11.59 20.87
C GLU A 82 -20.73 -10.35 20.99
N TYR A 83 -20.46 -9.68 19.87
CA TYR A 83 -19.60 -8.50 19.88
C TYR A 83 -20.38 -7.23 20.23
N ASP A 84 -19.79 -6.41 21.10
CA ASP A 84 -20.33 -5.11 21.43
C ASP A 84 -19.17 -4.17 21.75
N LEU A 85 -19.07 -3.07 21.00
CA LEU A 85 -17.95 -2.14 21.18
C LEU A 85 -17.78 -1.65 22.61
N ASP A 86 -18.89 -1.25 23.24
CA ASP A 86 -18.86 -0.80 24.64
C ASP A 86 -18.25 -1.85 25.56
N LYS A 87 -18.65 -3.10 25.38
CA LYS A 87 -18.14 -4.19 26.21
C LYS A 87 -16.70 -4.55 25.86
N TYR A 88 -16.36 -4.46 24.58
CA TYR A 88 -14.98 -4.62 24.15
C TYR A 88 -14.08 -3.60 24.85
N LEU A 89 -14.49 -2.33 24.79
CA LEU A 89 -13.74 -1.24 25.43
C LEU A 89 -13.61 -1.43 26.93
N LYS A 90 -14.71 -1.84 27.58
CA LYS A 90 -14.73 -2.10 29.02
C LYS A 90 -13.81 -3.28 29.38
N ALA A 91 -13.84 -4.34 28.56
CA ALA A 91 -13.05 -5.53 28.82
C ALA A 91 -11.55 -5.25 28.78
N TYR A 92 -11.12 -4.42 27.85
CA TYR A 92 -9.67 -4.29 27.57
C TYR A 92 -9.03 -2.94 27.93
N ASP A 93 -9.79 -2.13 28.67
CA ASP A 93 -9.28 -0.87 29.23
C ASP A 93 -8.02 -1.14 30.04
N PRO A 94 -6.88 -0.57 29.63
CA PRO A 94 -5.61 -0.74 30.34
C PRO A 94 -5.74 -0.53 31.86
N SER A 95 -6.65 0.34 32.27
CA SER A 95 -6.92 0.66 33.66
C SER A 95 -7.37 -0.55 34.51
N THR A 96 -8.04 -1.51 33.88
CA THR A 96 -8.54 -2.71 34.57
C THR A 96 -7.95 -4.00 34.03
N TRP A 97 -7.66 -4.01 32.72
CA TRP A 97 -7.13 -5.17 32.01
C TRP A 97 -5.60 -5.23 32.11
N GLY A 98 -4.98 -4.07 32.26
CA GLY A 98 -3.53 -3.97 32.21
C GLY A 98 -3.00 -4.11 30.79
N LYS A 99 -1.78 -4.60 30.67
CA LYS A 99 -1.09 -4.67 29.38
C LYS A 99 -1.04 -6.06 28.75
N LYS A 100 -1.78 -7.02 29.30
CA LYS A 100 -1.87 -8.34 28.68
C LYS A 100 -2.69 -8.29 27.39
N GLU A 101 -2.42 -9.23 26.49
CA GLU A 101 -3.12 -9.32 25.21
C GLU A 101 -4.61 -9.56 25.44
N PRO A 102 -5.47 -8.78 24.76
CA PRO A 102 -6.92 -9.05 24.84
C PRO A 102 -7.25 -10.49 24.47
N SER A 103 -8.07 -11.11 25.31
CA SER A 103 -8.51 -12.49 25.11
C SER A 103 -9.86 -12.64 25.78
N GLY A 104 -10.52 -13.76 25.53
CA GLY A 104 -11.83 -13.99 26.08
C GLY A 104 -12.92 -13.55 25.13
N THR A 105 -14.13 -13.41 25.68
CA THR A 105 -15.35 -13.32 24.89
C THR A 105 -15.36 -12.22 23.83
N GLN A 106 -15.09 -10.98 24.26
CA GLN A 106 -15.20 -9.85 23.35
C GLN A 106 -14.16 -9.88 22.22
N GLU A 107 -12.92 -10.22 22.57
CA GLU A 107 -11.87 -10.33 21.55
C GLU A 107 -12.16 -11.45 20.54
N GLU A 108 -12.61 -12.60 21.04
CA GLU A 108 -13.03 -13.69 20.16
C GLU A 108 -14.19 -13.29 19.24
N ALA A 109 -15.14 -12.54 19.78
CA ALA A 109 -16.29 -12.03 19.03
C ALA A 109 -15.87 -11.00 17.99
N ARG A 110 -14.91 -10.16 18.35
CA ARG A 110 -14.37 -9.16 17.42
C ARG A 110 -13.65 -9.85 16.26
N ALA A 111 -12.86 -10.87 16.57
CA ALA A 111 -12.15 -11.65 15.55
C ALA A 111 -13.11 -12.28 14.55
N ARG A 112 -14.21 -12.86 15.05
CA ARG A 112 -15.23 -13.45 14.18
C ARG A 112 -15.90 -12.39 13.30
N SER A 113 -16.20 -11.24 13.89
CA SER A 113 -16.77 -10.08 13.19
C SER A 113 -15.88 -9.64 12.04
N GLN A 114 -14.58 -9.57 12.33
CA GLN A 114 -13.57 -9.18 11.36
C GLN A 114 -13.57 -10.14 10.16
N LYS A 115 -13.65 -11.45 10.44
CA LYS A 115 -13.66 -12.46 9.38
C LYS A 115 -14.90 -12.36 8.49
N ASN A 116 -16.03 -11.94 9.08
CA ASN A 116 -17.26 -11.70 8.32
C ASN A 116 -17.10 -10.60 7.26
N GLN A 117 -16.46 -9.50 7.63
CA GLN A 117 -16.19 -8.44 6.67
C GLN A 117 -15.14 -8.85 5.63
N LYS A 118 -14.10 -9.55 6.09
CA LYS A 118 -13.00 -10.01 5.25
C LYS A 118 -13.54 -10.78 4.04
N ALA A 119 -14.56 -11.62 4.31
CA ALA A 119 -15.22 -12.42 3.28
C ALA A 119 -15.76 -11.58 2.13
N ARG A 120 -16.15 -10.34 2.41
CA ARG A 120 -16.74 -9.46 1.40
C ARG A 120 -15.69 -8.58 0.72
N VAL A 121 -14.78 -8.02 1.51
CA VAL A 121 -13.90 -6.95 1.00
C VAL A 121 -12.62 -7.46 0.37
N MET A 122 -12.16 -8.62 0.82
CA MET A 122 -10.88 -9.16 0.37
C MET A 122 -11.06 -10.12 -0.80
N VAL A 123 -10.30 -9.87 -1.86
CA VAL A 123 -10.41 -10.60 -3.10
C VAL A 123 -9.01 -10.93 -3.63
N ASP A 124 -8.80 -12.18 -4.04
CA ASP A 124 -7.52 -12.61 -4.63
C ASP A 124 -7.50 -12.39 -6.14
N ILE A 125 -6.39 -11.86 -6.65
CA ILE A 125 -6.23 -11.63 -8.08
C ILE A 125 -5.40 -12.79 -8.67
N PRO A 126 -6.00 -13.56 -9.60
CA PRO A 126 -5.30 -14.73 -10.14
C PRO A 126 -4.21 -14.34 -11.15
N ALA A 127 -3.38 -15.31 -11.52
CA ALA A 127 -2.25 -15.10 -12.42
C ALA A 127 -2.69 -14.58 -13.79
N ASN A 128 -1.80 -13.81 -14.42
CA ASN A 128 -1.98 -13.34 -15.80
C ASN A 128 -3.23 -12.49 -15.93
N THR A 129 -3.27 -11.41 -15.16
CA THR A 129 -4.45 -10.56 -15.07
C THR A 129 -4.08 -9.09 -15.18
N THR A 130 -4.77 -8.38 -16.06
CA THR A 130 -4.69 -6.93 -16.09
C THR A 130 -6.04 -6.36 -15.64
N ILE A 131 -6.01 -5.49 -14.63
CA ILE A 131 -7.20 -4.79 -14.14
C ILE A 131 -6.95 -3.31 -14.30
N VAL A 132 -7.80 -2.65 -15.09
CA VAL A 132 -7.59 -1.23 -15.38
C VAL A 132 -8.88 -0.44 -15.28
N GLY A 133 -8.76 0.82 -14.87
CA GLY A 133 -9.91 1.71 -14.88
C GLY A 133 -10.20 2.20 -16.28
N SER A 134 -11.47 2.13 -16.68
CA SER A 134 -11.92 2.79 -17.90
C SER A 134 -12.27 4.23 -17.54
N GLY A 135 -11.82 5.18 -18.36
CA GLY A 135 -12.10 6.60 -18.11
C GLY A 135 -11.35 7.14 -16.90
N THR A 136 -11.84 8.23 -16.34
CA THR A 136 -11.11 8.94 -15.28
C THR A 136 -11.69 8.75 -13.87
N ASN A 137 -12.76 7.97 -13.77
CA ASN A 137 -13.52 7.86 -12.52
C ASN A 137 -13.71 6.42 -12.01
N ALA A 138 -12.85 5.50 -12.45
CA ALA A 138 -12.88 4.13 -11.96
C ALA A 138 -12.41 4.07 -10.51
N LYS A 139 -13.24 3.49 -9.63
CA LYS A 139 -12.94 3.44 -8.21
C LYS A 139 -13.21 2.06 -7.62
N VAL A 140 -12.35 1.67 -6.67
CA VAL A 140 -12.62 0.52 -5.80
C VAL A 140 -12.69 1.05 -4.37
N VAL A 141 -13.87 0.90 -3.77
CA VAL A 141 -14.15 1.46 -2.44
C VAL A 141 -14.30 0.34 -1.41
N GLY A 142 -13.51 0.41 -0.34
CA GLY A 142 -13.57 -0.58 0.73
C GLY A 142 -12.82 -1.87 0.44
N GLY A 143 -12.36 -2.04 -0.78
CA GLY A 143 -11.75 -3.30 -1.21
C GLY A 143 -10.31 -3.49 -0.80
N ASN A 144 -9.93 -4.76 -0.65
CA ASN A 144 -8.55 -5.17 -0.43
C ASN A 144 -8.22 -6.24 -1.47
N PHE A 145 -7.54 -5.84 -2.53
CA PHE A 145 -7.05 -6.77 -3.55
C PHE A 145 -5.83 -7.46 -2.98
N GLN A 146 -5.79 -8.79 -3.06
CA GLN A 146 -4.58 -9.53 -2.66
C GLN A 146 -3.97 -10.24 -3.86
N ILE A 147 -2.65 -10.08 -4.03
CA ILE A 147 -1.96 -10.74 -5.12
C ILE A 147 -0.95 -11.74 -4.59
N LYS A 148 -1.29 -13.02 -4.72
CA LYS A 148 -0.40 -14.12 -4.33
C LYS A 148 0.21 -14.77 -5.57
N SER A 149 -0.31 -14.37 -6.73
CA SER A 149 0.02 -14.98 -8.01
C SER A 149 1.14 -14.24 -8.74
N ASP A 150 1.49 -14.75 -9.93
CA ASP A 150 2.47 -14.12 -10.80
C ASP A 150 1.80 -13.39 -11.96
N ASN A 151 2.35 -12.24 -12.31
CA ASN A 151 2.03 -11.56 -13.57
C ASN A 151 0.70 -10.81 -13.54
N VAL A 152 0.69 -9.66 -12.86
CA VAL A 152 -0.53 -8.91 -12.62
C VAL A 152 -0.27 -7.41 -12.82
N ILE A 153 -1.14 -6.78 -13.59
CA ILE A 153 -1.09 -5.33 -13.86
C ILE A 153 -2.34 -4.69 -13.29
N ILE A 154 -2.15 -3.61 -12.53
CA ILE A 154 -3.27 -2.85 -11.98
C ILE A 154 -3.03 -1.37 -12.28
N ARG A 155 -3.94 -0.74 -13.02
CA ARG A 155 -3.72 0.64 -13.46
C ARG A 155 -4.98 1.48 -13.49
N ASN A 156 -4.80 2.79 -13.25
CA ASN A 156 -5.82 3.81 -13.53
C ASN A 156 -7.08 3.65 -12.68
N ILE A 157 -6.91 3.20 -11.44
CA ILE A 157 -8.01 3.02 -10.51
C ILE A 157 -7.75 3.84 -9.25
N GLU A 158 -8.80 4.49 -8.74
CA GLU A 158 -8.72 5.12 -7.43
C GLU A 158 -9.22 4.15 -6.36
N PHE A 159 -8.28 3.66 -5.52
CA PHE A 159 -8.60 2.83 -4.38
C PHE A 159 -8.87 3.71 -3.15
N GLN A 160 -10.07 3.59 -2.60
CA GLN A 160 -10.47 4.38 -1.44
C GLN A 160 -10.80 3.52 -0.24
N ASP A 161 -10.29 3.93 0.92
CA ASP A 161 -10.89 3.59 2.21
C ASP A 161 -11.08 2.08 2.44
N ALA A 162 -9.96 1.37 2.54
CA ALA A 162 -9.97 -0.04 2.90
C ALA A 162 -10.18 -0.08 4.41
N TYR A 163 -11.46 -0.11 4.78
CA TYR A 163 -11.94 0.21 6.13
C TYR A 163 -12.33 -1.04 6.90
N ASP A 164 -11.78 -1.17 8.10
CA ASP A 164 -12.02 -2.31 8.97
C ASP A 164 -12.96 -1.87 10.09
N TYR A 165 -14.16 -2.47 10.14
CA TYR A 165 -15.15 -2.10 11.16
C TYR A 165 -14.78 -2.56 12.58
N PHE A 166 -13.75 -3.40 12.69
CA PHE A 166 -13.42 -4.03 13.97
C PHE A 166 -11.93 -3.96 14.30
N PRO A 167 -11.39 -2.73 14.47
CA PRO A 167 -9.98 -2.60 14.87
C PRO A 167 -9.69 -3.36 16.16
N GLN A 168 -8.51 -3.98 16.22
CA GLN A 168 -8.08 -4.75 17.37
C GLN A 168 -7.18 -3.90 18.26
N TRP A 169 -7.41 -3.97 19.57
CA TRP A 169 -6.55 -3.27 20.53
C TRP A 169 -5.33 -4.12 20.88
N ASP A 170 -4.15 -3.52 20.77
CA ASP A 170 -2.91 -4.15 21.20
C ASP A 170 -2.20 -3.22 22.18
N PRO A 171 -2.28 -3.53 23.50
CA PRO A 171 -1.67 -2.66 24.51
C PRO A 171 -0.15 -2.66 24.47
N THR A 172 0.43 -3.65 23.78
CA THR A 172 1.89 -3.83 23.70
C THR A 172 2.48 -3.25 22.42
N ASP A 173 1.61 -2.79 21.52
CA ASP A 173 2.05 -2.18 20.26
C ASP A 173 2.42 -0.71 20.49
N GLY A 174 3.70 -0.48 20.75
CA GLY A 174 4.17 0.85 21.14
C GLY A 174 4.08 1.04 22.63
N SER A 175 4.66 2.12 23.14
CA SER A 175 4.74 2.38 24.58
C SER A 175 3.39 2.64 25.26
N SER A 176 2.40 3.08 24.49
CA SER A 176 1.05 3.28 25.01
C SER A 176 -0.03 2.50 24.25
N GLY A 177 0.41 1.44 23.55
CA GLY A 177 -0.50 0.59 22.81
C GLY A 177 -0.96 1.22 21.51
N ASN A 178 -1.67 0.44 20.69
CA ASN A 178 -2.22 0.92 19.43
C ASN A 178 -3.39 0.06 18.99
N TRP A 179 -4.28 0.65 18.19
CA TRP A 179 -5.32 -0.08 17.50
C TRP A 179 -4.81 -0.45 16.11
N ASN A 180 -5.09 -1.67 15.67
CA ASN A 180 -4.65 -2.17 14.37
C ASN A 180 -5.80 -2.77 13.56
N SER A 181 -5.80 -2.49 12.26
CA SER A 181 -6.80 -3.01 11.35
C SER A 181 -6.17 -3.86 10.26
N GLN A 182 -7.00 -4.54 9.48
CA GLN A 182 -6.55 -5.65 8.61
C GLN A 182 -6.41 -5.37 7.11
N TYR A 183 -7.05 -4.32 6.61
CA TYR A 183 -7.16 -4.18 5.16
C TYR A 183 -6.27 -3.10 4.56
N ASP A 184 -5.49 -3.50 3.57
CA ASP A 184 -4.79 -2.56 2.68
C ASP A 184 -5.63 -2.40 1.42
N ASN A 185 -5.29 -1.42 0.59
CA ASN A 185 -5.91 -1.36 -0.73
C ASN A 185 -5.41 -2.52 -1.60
N ILE A 186 -4.09 -2.71 -1.62
CA ILE A 186 -3.47 -3.84 -2.32
C ILE A 186 -2.43 -4.50 -1.42
N THR A 187 -2.55 -5.81 -1.24
CA THR A 187 -1.56 -6.61 -0.51
C THR A 187 -0.91 -7.59 -1.45
N ILE A 188 0.40 -7.46 -1.62
CA ILE A 188 1.15 -8.42 -2.43
C ILE A 188 1.74 -9.44 -1.47
N ASN A 189 1.08 -10.60 -1.41
CA ASN A 189 1.40 -11.66 -0.47
C ASN A 189 2.10 -12.80 -1.22
N GLY A 190 3.41 -12.66 -1.41
CA GLY A 190 4.16 -13.62 -2.20
C GLY A 190 3.99 -13.46 -3.71
N GLY A 191 3.21 -12.46 -4.11
CA GLY A 191 3.00 -12.15 -5.53
C GLY A 191 4.28 -11.73 -6.23
N THR A 192 4.35 -12.03 -7.52
CA THR A 192 5.57 -11.77 -8.31
C THR A 192 5.19 -11.21 -9.68
N HIS A 193 6.08 -10.41 -10.26
CA HIS A 193 5.87 -9.75 -11.55
C HIS A 193 4.57 -8.95 -11.54
N ILE A 194 4.62 -7.82 -10.86
CA ILE A 194 3.45 -6.98 -10.63
C ILE A 194 3.75 -5.54 -11.00
N TRP A 195 2.79 -4.92 -11.70
CA TRP A 195 2.88 -3.51 -12.02
C TRP A 195 1.65 -2.81 -11.48
N ILE A 196 1.87 -1.86 -10.59
CA ILE A 196 0.81 -0.99 -10.09
C ILE A 196 1.14 0.41 -10.60
N ASP A 197 0.31 0.93 -11.48
CA ASP A 197 0.64 2.17 -12.16
C ASP A 197 -0.55 3.11 -12.31
N HIS A 198 -0.31 4.40 -12.10
CA HIS A 198 -1.34 5.43 -12.28
C HIS A 198 -2.60 5.14 -11.48
N CYS A 199 -2.39 4.65 -10.26
CA CYS A 199 -3.49 4.47 -9.33
C CYS A 199 -3.45 5.55 -8.26
N THR A 200 -4.59 5.76 -7.62
CA THR A 200 -4.67 6.67 -6.47
C THR A 200 -5.07 5.86 -5.25
N PHE A 201 -4.47 6.17 -4.11
CA PHE A 201 -4.76 5.50 -2.84
C PHE A 201 -5.00 6.53 -1.78
N ASN A 202 -6.20 6.49 -1.20
CA ASN A 202 -6.55 7.41 -0.12
C ASN A 202 -7.58 6.79 0.82
N ASP A 203 -7.97 7.56 1.85
CA ASP A 203 -8.88 7.04 2.86
C ASP A 203 -10.34 7.45 2.61
N GLY A 204 -10.62 7.87 1.37
CA GLY A 204 -11.97 8.21 0.93
C GLY A 204 -12.63 9.24 1.82
N SER A 205 -13.89 8.98 2.15
CA SER A 205 -14.71 9.89 2.95
C SER A 205 -14.59 9.65 4.45
N ARG A 206 -13.74 8.69 4.83
CA ARG A 206 -13.51 8.36 6.23
C ARG A 206 -12.03 8.48 6.64
N PRO A 207 -11.46 9.70 6.55
CA PRO A 207 -10.08 9.88 6.96
C PRO A 207 -9.94 9.67 8.46
N ASP A 208 -8.72 9.44 8.93
CA ASP A 208 -8.46 9.14 10.34
C ASP A 208 -8.89 10.27 11.28
N SER A 209 -9.08 11.46 10.73
CA SER A 209 -9.53 12.61 11.52
C SER A 209 -11.00 12.48 11.93
N THR A 210 -11.70 11.50 11.36
CA THR A 210 -13.09 11.21 11.71
C THR A 210 -13.23 10.05 12.70
N SER A 211 -12.10 9.48 13.11
CA SER A 211 -12.13 8.40 14.11
C SER A 211 -11.79 8.94 15.49
N PRO A 212 -12.53 8.48 16.52
CA PRO A 212 -12.21 8.94 17.88
C PRO A 212 -10.95 8.27 18.41
N LYS A 213 -10.52 8.70 19.60
CA LYS A 213 -9.46 8.04 20.32
C LYS A 213 -10.05 7.24 21.46
N TYR A 214 -9.62 6.00 21.58
CA TYR A 214 -9.98 5.15 22.71
C TYR A 214 -8.68 4.75 23.42
N TYR A 215 -8.70 4.86 24.75
CA TYR A 215 -7.49 4.68 25.56
C TYR A 215 -6.40 5.67 25.16
N GLY A 216 -6.81 6.83 24.63
CA GLY A 216 -5.89 7.87 24.18
C GLY A 216 -5.21 7.60 22.84
N ARG A 217 -5.64 6.53 22.17
CA ARG A 217 -5.05 6.10 20.90
C ARG A 217 -6.09 6.14 19.79
N LYS A 218 -5.68 6.55 18.59
CA LYS A 218 -6.60 6.61 17.45
C LYS A 218 -7.22 5.24 17.17
N TYR A 219 -8.55 5.22 17.11
CA TYR A 219 -9.31 4.03 16.75
C TYR A 219 -9.15 3.80 15.25
N GLN A 220 -8.05 3.14 14.90
CA GLN A 220 -7.54 3.08 13.54
C GLN A 220 -8.25 2.03 12.69
N HIS A 221 -9.00 2.50 11.67
CA HIS A 221 -9.77 1.65 10.80
C HIS A 221 -9.02 1.20 9.55
N HIS A 222 -7.83 1.76 9.34
CA HIS A 222 -7.06 1.47 8.14
C HIS A 222 -5.76 0.77 8.44
N ASP A 223 -5.21 0.09 7.44
CA ASP A 223 -3.87 -0.45 7.54
C ASP A 223 -3.02 0.19 6.44
N GLY A 224 -2.50 -0.62 5.52
CA GLY A 224 -1.63 -0.14 4.47
C GLY A 224 -2.35 0.29 3.21
N GLN A 225 -1.57 0.78 2.25
CA GLN A 225 -2.09 1.14 0.94
C GLN A 225 -1.61 0.11 -0.07
N THR A 226 -0.30 0.05 -0.28
CA THR A 226 0.29 -1.00 -1.11
C THR A 226 1.40 -1.69 -0.33
N ASP A 227 1.08 -2.84 0.24
CA ASP A 227 2.03 -3.60 1.06
C ASP A 227 2.56 -4.82 0.30
N ALA A 228 3.75 -5.25 0.67
CA ALA A 228 4.35 -6.44 0.06
C ALA A 228 5.02 -7.28 1.15
N SER A 229 4.73 -8.58 1.14
CA SER A 229 5.22 -9.48 2.18
C SER A 229 5.44 -10.89 1.64
N ASN A 230 6.06 -11.73 2.48
CA ASN A 230 6.17 -13.18 2.24
C ASN A 230 6.76 -13.55 0.88
N GLY A 231 7.91 -12.99 0.57
CA GLY A 231 8.66 -13.37 -0.62
C GLY A 231 8.18 -12.69 -1.90
N ALA A 232 7.30 -11.70 -1.75
CA ALA A 232 6.89 -10.84 -2.87
C ALA A 232 8.13 -10.35 -3.61
N ASN A 233 8.09 -10.35 -4.93
CA ASN A 233 9.31 -10.12 -5.70
C ASN A 233 9.03 -9.66 -7.12
N TYR A 234 9.88 -8.77 -7.62
CA TYR A 234 9.81 -8.27 -9.01
C TYR A 234 8.56 -7.44 -9.25
N ILE A 235 8.58 -6.24 -8.68
CA ILE A 235 7.41 -5.39 -8.64
C ILE A 235 7.82 -3.97 -9.04
N THR A 236 7.00 -3.34 -9.87
CA THR A 236 7.15 -1.92 -10.19
C THR A 236 5.88 -1.19 -9.79
N MET A 237 6.02 -0.15 -8.98
CA MET A 237 4.91 0.77 -8.67
C MET A 237 5.30 2.15 -9.16
N SER A 238 4.57 2.65 -10.15
CA SER A 238 4.93 3.92 -10.77
C SER A 238 3.73 4.84 -10.96
N TYR A 239 3.97 6.14 -10.84
CA TYR A 239 2.96 7.16 -11.13
C TYR A 239 1.69 7.02 -10.30
N ASN A 240 1.83 6.53 -9.08
CA ASN A 240 0.70 6.42 -8.17
C ASN A 240 0.62 7.63 -7.27
N TYR A 241 -0.59 7.98 -6.85
CA TYR A 241 -0.83 9.10 -5.96
C TYR A 241 -1.38 8.58 -4.65
N TYR A 242 -0.52 8.58 -3.63
CA TYR A 242 -0.90 8.19 -2.28
C TYR A 242 -1.16 9.46 -1.50
N HIS A 243 -2.33 9.57 -0.88
CA HIS A 243 -2.60 10.77 -0.08
C HIS A 243 -3.57 10.56 1.06
N ASP A 244 -3.38 11.33 2.12
CA ASP A 244 -4.28 11.39 3.27
C ASP A 244 -4.48 10.02 3.89
N HIS A 245 -3.38 9.50 4.45
CA HIS A 245 -3.31 8.14 4.96
C HIS A 245 -2.12 8.02 5.91
N ASP A 246 -2.23 7.12 6.89
CA ASP A 246 -1.17 6.95 7.88
C ASP A 246 -0.01 6.09 7.36
N LYS A 247 -0.18 4.76 7.38
CA LYS A 247 0.91 3.84 7.00
C LYS A 247 0.77 3.41 5.54
N SER A 248 1.65 3.89 4.66
CA SER A 248 1.45 3.69 3.23
C SER A 248 1.90 2.33 2.67
N SER A 249 3.20 2.05 2.79
CA SER A 249 3.79 0.97 2.04
C SER A 249 4.84 0.24 2.89
N ILE A 250 4.46 -0.93 3.37
CA ILE A 250 5.37 -1.76 4.14
C ILE A 250 5.83 -2.95 3.31
N PHE A 251 7.12 -3.00 3.01
CA PHE A 251 7.73 -4.06 2.21
C PHE A 251 8.58 -4.94 3.12
N GLY A 252 8.10 -6.15 3.36
CA GLY A 252 8.70 -7.04 4.36
C GLY A 252 8.02 -6.80 5.69
N SER A 253 7.28 -7.80 6.15
CA SER A 253 6.38 -7.65 7.27
C SER A 253 6.97 -8.01 8.63
N SER A 254 8.15 -8.64 8.65
CA SER A 254 8.73 -9.11 9.90
C SER A 254 10.24 -9.30 9.86
N ASP A 255 10.91 -8.87 10.92
CA ASP A 255 12.35 -9.07 11.08
C ASP A 255 12.74 -10.56 11.09
N SER A 256 11.79 -11.41 11.49
CA SER A 256 12.00 -12.85 11.61
C SER A 256 11.91 -13.59 10.26
N LYS A 257 11.30 -12.96 9.27
CA LYS A 257 11.12 -13.60 7.96
C LYS A 257 12.36 -13.42 7.09
N THR A 258 13.44 -14.08 7.50
CA THR A 258 14.73 -14.00 6.81
C THR A 258 14.68 -14.54 5.39
N SER A 259 13.66 -15.33 5.09
CA SER A 259 13.41 -15.84 3.74
C SER A 259 13.05 -14.71 2.75
N ASP A 260 12.75 -13.52 3.29
CA ASP A 260 12.56 -12.33 2.46
C ASP A 260 13.88 -11.79 1.90
N ASP A 261 15.00 -12.19 2.51
CA ASP A 261 16.32 -11.80 2.00
C ASP A 261 16.48 -12.28 0.57
N GLY A 262 16.93 -11.38 -0.30
CA GLY A 262 17.07 -11.69 -1.73
C GLY A 262 15.77 -11.53 -2.51
N LYS A 263 14.70 -11.17 -1.80
CA LYS A 263 13.40 -10.93 -2.43
C LYS A 263 12.97 -9.50 -2.17
N LEU A 264 11.67 -9.20 -2.28
CA LEU A 264 11.17 -7.83 -2.12
C LEU A 264 11.92 -6.84 -3.04
N LYS A 265 12.22 -7.31 -4.24
CA LYS A 265 12.83 -6.48 -5.26
C LYS A 265 11.73 -5.64 -5.90
N ILE A 266 11.68 -4.38 -5.50
CA ILE A 266 10.59 -3.47 -5.85
C ILE A 266 11.16 -2.15 -6.36
N THR A 267 10.58 -1.62 -7.43
CA THR A 267 10.94 -0.29 -7.92
C THR A 267 9.76 0.64 -7.72
N LEU A 268 10.03 1.76 -7.07
CA LEU A 268 9.04 2.81 -6.88
C LEU A 268 9.53 4.05 -7.58
N HIS A 269 8.79 4.49 -8.60
CA HIS A 269 9.16 5.74 -9.26
C HIS A 269 7.97 6.61 -9.67
N HIS A 270 8.20 7.92 -9.62
CA HIS A 270 7.20 8.93 -9.99
C HIS A 270 5.89 8.86 -9.20
N ASN A 271 6.00 8.35 -7.97
CA ASN A 271 4.87 8.33 -7.06
C ASN A 271 4.80 9.63 -6.27
N ARG A 272 3.57 10.03 -5.92
CA ARG A 272 3.33 11.19 -5.12
C ARG A 272 2.81 10.76 -3.76
N TYR A 273 3.42 11.29 -2.71
CA TYR A 273 2.97 11.01 -1.34
C TYR A 273 2.64 12.33 -0.67
N LYS A 274 1.34 12.62 -0.54
CA LYS A 274 0.87 13.87 0.05
C LYS A 274 0.08 13.58 1.33
N ASN A 275 0.48 14.19 2.43
CA ASN A 275 -0.16 13.94 3.72
C ASN A 275 -0.20 12.44 4.06
N ILE A 276 0.96 11.81 3.90
CA ILE A 276 1.20 10.44 4.33
C ILE A 276 2.06 10.52 5.58
N VAL A 277 1.64 9.83 6.63
CA VAL A 277 2.36 9.89 7.90
C VAL A 277 3.72 9.18 7.82
N GLN A 278 3.70 7.92 7.37
CA GLN A 278 4.89 7.08 7.48
C GLN A 278 4.91 5.92 6.49
N ALA A 279 6.08 5.27 6.42
CA ALA A 279 6.29 4.07 5.61
C ALA A 279 6.04 4.32 4.13
N ALA A 280 6.95 5.09 3.51
CA ALA A 280 6.76 5.45 2.11
C ALA A 280 8.04 5.28 1.27
N PRO A 281 8.64 4.07 1.27
CA PRO A 281 8.19 2.86 1.96
C PRO A 281 8.97 2.56 3.23
N ARG A 282 8.44 1.64 4.05
CA ARG A 282 9.22 1.02 5.12
C ARG A 282 9.69 -0.34 4.60
N VAL A 283 11.01 -0.55 4.62
CA VAL A 283 11.60 -1.74 3.98
C VAL A 283 12.38 -2.62 4.97
N ARG A 284 12.12 -3.92 4.90
CA ARG A 284 13.01 -4.92 5.47
C ARG A 284 13.58 -5.74 4.32
N PHE A 285 14.89 -6.02 4.38
CA PHE A 285 15.55 -7.00 3.50
C PHE A 285 15.75 -6.63 2.02
N GLY A 286 14.74 -6.01 1.42
CA GLY A 286 14.67 -5.88 -0.04
C GLY A 286 15.60 -4.88 -0.71
N GLN A 287 15.99 -5.22 -1.94
CA GLN A 287 16.66 -4.29 -2.84
C GLN A 287 15.60 -3.43 -3.51
N VAL A 288 15.35 -2.27 -2.92
CA VAL A 288 14.26 -1.41 -3.37
C VAL A 288 14.81 -0.15 -4.04
N HIS A 289 14.47 0.04 -5.30
CA HIS A 289 14.86 1.23 -6.04
C HIS A 289 13.78 2.29 -5.90
N VAL A 290 14.16 3.42 -5.31
CA VAL A 290 13.22 4.51 -5.05
C VAL A 290 13.72 5.75 -5.81
N TYR A 291 13.05 6.11 -6.91
CA TYR A 291 13.53 7.26 -7.68
C TYR A 291 12.43 8.17 -8.22
N ASN A 292 12.75 9.46 -8.29
CA ASN A 292 11.83 10.47 -8.85
C ASN A 292 10.46 10.46 -8.17
N ASN A 293 10.43 10.21 -6.87
CA ASN A 293 9.20 10.34 -6.10
C ASN A 293 9.13 11.70 -5.43
N TYR A 294 7.90 12.17 -5.21
CA TYR A 294 7.68 13.46 -4.56
C TYR A 294 6.89 13.27 -3.28
N TYR A 295 7.43 13.81 -2.19
CA TYR A 295 6.83 13.71 -0.87
C TYR A 295 6.51 15.11 -0.36
N GLU A 296 5.28 15.31 0.10
CA GLU A 296 4.85 16.60 0.61
C GLU A 296 3.95 16.42 1.84
N GLY A 297 4.18 17.24 2.85
CA GLY A 297 3.41 17.14 4.07
C GLY A 297 3.81 18.16 5.10
N SER A 298 3.25 18.01 6.30
CA SER A 298 3.54 18.91 7.41
C SER A 298 3.63 18.11 8.68
N THR A 299 4.65 18.41 9.49
CA THR A 299 4.81 17.75 10.79
C THR A 299 3.77 18.25 11.79
N SER A 300 3.13 19.37 11.48
CA SER A 300 2.17 20.00 12.40
C SER A 300 0.71 19.83 11.98
N SER A 301 0.48 19.08 10.90
CA SER A 301 -0.86 18.81 10.37
C SER A 301 -1.73 18.12 11.42
N SER A 302 -3.01 18.49 11.45
CA SER A 302 -3.94 17.96 12.44
C SER A 302 -4.63 16.66 12.02
N SER A 303 -4.37 16.21 10.79
CA SER A 303 -5.03 15.01 10.25
C SER A 303 -4.05 13.87 9.96
N TYR A 304 -3.00 14.18 9.20
CA TYR A 304 -1.97 13.21 8.83
C TYR A 304 -0.58 13.85 8.89
N PRO A 305 -0.08 14.12 10.11
CA PRO A 305 1.23 14.76 10.24
C PRO A 305 2.38 13.87 9.78
N PHE A 306 3.31 14.46 9.02
CA PHE A 306 4.48 13.74 8.53
C PHE A 306 5.36 13.20 9.66
N SER A 307 5.70 11.91 9.59
CA SER A 307 6.64 11.31 10.54
C SER A 307 7.98 11.03 9.85
N TYR A 308 7.95 10.21 8.80
CA TYR A 308 9.14 9.93 7.99
C TYR A 308 8.73 9.48 6.59
N ALA A 309 9.67 9.56 5.65
CA ALA A 309 9.46 9.06 4.30
C ALA A 309 9.95 7.62 4.15
N TRP A 310 11.26 7.41 4.27
CA TRP A 310 11.85 6.07 4.10
C TRP A 310 12.13 5.40 5.43
N GLY A 311 11.64 4.16 5.56
CA GLY A 311 11.91 3.34 6.73
C GLY A 311 13.04 2.38 6.45
N ILE A 312 14.19 2.63 7.08
CA ILE A 312 15.36 1.77 6.93
C ILE A 312 15.26 0.64 7.94
N GLY A 313 14.55 -0.42 7.55
CA GLY A 313 14.35 -1.57 8.42
C GLY A 313 15.46 -2.59 8.28
N LYS A 314 15.28 -3.71 8.98
CA LYS A 314 16.30 -4.74 9.09
C LYS A 314 16.81 -5.19 7.73
N SER A 315 18.11 -5.03 7.51
CA SER A 315 18.81 -5.52 6.32
C SER A 315 18.27 -4.93 5.01
N SER A 316 17.58 -3.79 5.10
CA SER A 316 17.06 -3.13 3.90
C SER A 316 18.19 -2.62 3.01
N LYS A 317 17.92 -2.59 1.71
CA LYS A 317 18.91 -2.20 0.72
C LYS A 317 18.30 -1.17 -0.22
N ILE A 318 17.80 -0.08 0.35
CA ILE A 318 17.17 0.97 -0.45
C ILE A 318 18.21 1.73 -1.28
N TYR A 319 17.92 1.87 -2.56
CA TYR A 319 18.76 2.62 -3.49
C TYR A 319 17.88 3.77 -3.99
N ALA A 320 18.17 4.98 -3.51
CA ALA A 320 17.32 6.14 -3.77
C ALA A 320 18.02 7.17 -4.66
N GLN A 321 17.30 7.65 -5.67
CA GLN A 321 17.85 8.62 -6.63
C GLN A 321 16.87 9.73 -6.93
N ASN A 322 17.30 10.98 -6.77
CA ASN A 322 16.53 12.13 -7.24
C ASN A 322 15.08 12.14 -6.78
N ASN A 323 14.92 12.00 -5.46
CA ASN A 323 13.64 12.16 -4.80
C ASN A 323 13.55 13.52 -4.16
N VAL A 324 12.33 14.04 -4.06
CA VAL A 324 12.10 15.41 -3.59
C VAL A 324 11.12 15.40 -2.42
N ILE A 325 11.55 15.95 -1.30
CA ILE A 325 10.77 15.97 -0.08
C ILE A 325 10.50 17.42 0.34
N ASP A 326 9.23 17.76 0.48
CA ASP A 326 8.78 19.09 0.86
C ASP A 326 7.99 19.04 2.17
N VAL A 327 8.70 19.22 3.28
CA VAL A 327 8.12 19.22 4.62
C VAL A 327 8.79 20.35 5.41
N PRO A 328 8.10 21.48 5.59
CA PRO A 328 8.68 22.63 6.29
C PRO A 328 9.27 22.26 7.65
N GLY A 329 10.48 22.76 7.92
CA GLY A 329 11.11 22.60 9.23
C GLY A 329 11.85 21.29 9.45
N LEU A 330 11.64 20.33 8.56
CA LEU A 330 12.22 19.00 8.70
C LEU A 330 13.73 19.03 8.50
N SER A 331 14.46 18.32 9.36
CA SER A 331 15.91 18.18 9.19
C SER A 331 16.21 17.07 8.18
N ALA A 332 17.42 17.12 7.61
CA ALA A 332 17.89 16.09 6.70
C ALA A 332 17.78 14.70 7.32
N ALA A 333 18.23 14.57 8.57
CA ALA A 333 18.21 13.29 9.27
C ALA A 333 16.81 12.70 9.36
N LYS A 334 15.83 13.56 9.64
CA LYS A 334 14.45 13.12 9.94
C LYS A 334 13.59 12.82 8.71
N THR A 335 14.20 12.88 7.53
CA THR A 335 13.54 12.41 6.30
C THR A 335 13.31 10.91 6.35
N ILE A 336 14.13 10.21 7.15
CA ILE A 336 14.05 8.76 7.27
C ILE A 336 13.91 8.33 8.73
N SER A 337 13.48 7.09 8.92
CA SER A 337 13.49 6.48 10.23
C SER A 337 14.27 5.17 10.13
N VAL A 338 15.26 5.02 11.01
CA VAL A 338 16.14 3.85 11.01
C VAL A 338 15.72 2.90 12.14
N PHE A 339 15.45 1.65 11.77
CA PHE A 339 15.02 0.62 12.70
C PHE A 339 16.13 -0.39 12.94
N SER A 340 16.06 -1.12 14.05
CA SER A 340 17.09 -2.09 14.41
C SER A 340 17.40 -3.01 13.23
N GLY A 341 18.69 -3.15 12.95
CA GLY A 341 19.13 -3.98 11.84
C GLY A 341 19.30 -3.23 10.52
N GLY A 342 18.83 -1.99 10.48
CA GLY A 342 18.98 -1.13 9.31
C GLY A 342 20.30 -0.36 9.43
N THR A 343 21.20 -0.56 8.47
CA THR A 343 22.56 -0.02 8.56
C THR A 343 23.03 0.68 7.29
N ALA A 344 22.26 0.56 6.21
CA ALA A 344 22.71 1.03 4.90
C ALA A 344 21.60 1.71 4.11
N LEU A 345 21.97 2.75 3.39
CA LEU A 345 21.06 3.47 2.51
C LEU A 345 21.89 4.19 1.48
N TYR A 346 21.60 3.95 0.20
CA TYR A 346 22.20 4.76 -0.84
C TYR A 346 21.16 5.82 -1.20
N ASP A 347 21.53 7.09 -1.09
CA ASP A 347 20.68 8.14 -1.64
C ASP A 347 21.51 9.22 -2.32
N SER A 348 21.12 9.54 -3.56
CA SER A 348 21.74 10.63 -4.30
C SER A 348 20.67 11.57 -4.84
N GLY A 349 20.99 12.85 -4.92
CA GLY A 349 20.10 13.85 -5.48
C GLY A 349 18.87 14.18 -4.65
N THR A 350 18.83 13.71 -3.39
CA THR A 350 17.71 13.98 -2.50
C THR A 350 17.59 15.48 -2.24
N LEU A 351 16.43 16.05 -2.55
CA LEU A 351 16.13 17.45 -2.31
C LEU A 351 15.14 17.59 -1.15
N LEU A 352 15.57 18.28 -0.09
CA LEU A 352 14.70 18.56 1.02
C LEU A 352 14.46 20.06 1.07
N ASN A 353 13.20 20.45 0.86
CA ASN A 353 12.78 21.85 0.88
C ASN A 353 13.67 22.72 -0.02
N GLY A 354 14.01 22.16 -1.18
CA GLY A 354 14.78 22.89 -2.19
C GLY A 354 16.28 22.81 -2.04
N THR A 355 16.74 22.15 -0.97
CA THR A 355 18.17 22.02 -0.69
C THR A 355 18.64 20.58 -0.82
N GLN A 356 19.78 20.41 -1.49
CA GLN A 356 20.36 19.09 -1.68
C GLN A 356 20.89 18.54 -0.35
N ILE A 357 20.45 17.33 0.00
CA ILE A 357 20.88 16.69 1.26
C ILE A 357 21.39 15.29 1.02
N ASN A 358 22.03 14.73 2.04
CA ASN A 358 22.48 13.34 2.03
C ASN A 358 21.84 12.64 3.23
N ALA A 359 20.71 11.99 2.99
CA ALA A 359 19.91 11.39 4.07
C ALA A 359 20.66 10.26 4.78
N SER A 360 21.42 9.49 4.02
CA SER A 360 22.18 8.37 4.57
C SER A 360 23.25 8.87 5.54
N ALA A 361 24.05 9.84 5.09
CA ALA A 361 25.15 10.38 5.88
C ALA A 361 24.66 11.11 7.12
N ALA A 362 23.53 11.80 6.99
CA ALA A 362 22.89 12.49 8.10
C ALA A 362 22.48 11.54 9.22
N ASN A 363 22.34 10.26 8.86
CA ASN A 363 21.94 9.22 9.81
C ASN A 363 23.04 8.22 10.17
N GLY A 364 24.26 8.50 9.71
CA GLY A 364 25.42 7.67 10.02
C GLY A 364 25.38 6.30 9.36
N LEU A 365 24.57 6.17 8.32
CA LEU A 365 24.41 4.90 7.63
C LEU A 365 25.51 4.70 6.59
N SER A 366 25.82 3.43 6.29
CA SER A 366 26.69 3.12 5.17
C SER A 366 25.98 3.50 3.87
N SER A 367 26.74 4.00 2.91
CA SER A 367 26.18 4.33 1.60
C SER A 367 26.20 3.13 0.65
N SER A 368 26.72 2.00 1.12
CA SER A 368 26.83 0.81 0.29
C SER A 368 25.71 -0.18 0.56
N VAL A 369 24.83 -0.35 -0.44
CA VAL A 369 23.73 -1.32 -0.33
C VAL A 369 23.97 -2.57 -1.18
N GLY A 370 25.13 -2.63 -1.83
CA GLY A 370 25.57 -3.86 -2.50
C GLY A 370 24.94 -4.15 -3.84
N TRP A 371 24.27 -3.16 -4.42
CA TRP A 371 23.66 -3.33 -5.74
C TRP A 371 23.47 -1.99 -6.43
N THR A 372 23.32 -2.05 -7.75
CA THR A 372 22.93 -0.88 -8.55
C THR A 372 21.82 -1.33 -9.51
N PRO A 373 20.70 -0.59 -9.55
CA PRO A 373 19.57 -0.94 -10.41
C PRO A 373 19.92 -0.78 -11.88
N SER A 374 19.70 -1.84 -12.67
CA SER A 374 19.89 -1.75 -14.12
C SER A 374 18.57 -1.61 -14.87
N LEU A 375 17.48 -2.05 -14.24
CA LEU A 375 16.16 -1.94 -14.86
C LEU A 375 15.47 -0.65 -14.44
N HIS A 376 15.69 0.41 -15.21
CA HIS A 376 14.96 1.66 -14.99
C HIS A 376 14.84 2.45 -16.28
N GLY A 377 13.79 3.26 -16.37
CA GLY A 377 13.62 4.21 -17.45
C GLY A 377 14.46 5.44 -17.19
N SER A 378 14.18 6.51 -17.93
CA SER A 378 14.94 7.74 -17.79
C SER A 378 14.80 8.33 -16.39
N ILE A 379 15.88 8.88 -15.86
CA ILE A 379 15.88 9.49 -14.54
C ILE A 379 15.79 11.01 -14.65
N ASP A 380 14.70 11.58 -14.13
CA ASP A 380 14.52 13.03 -14.12
C ASP A 380 15.52 13.66 -13.18
N ALA A 381 15.98 14.85 -13.53
CA ALA A 381 16.71 15.67 -12.59
C ALA A 381 15.78 15.99 -11.44
N SER A 382 16.33 16.02 -10.23
CA SER A 382 15.54 16.37 -9.04
C SER A 382 14.74 17.66 -9.23
N ALA A 383 15.32 18.62 -9.96
CA ALA A 383 14.69 19.91 -10.22
C ALA A 383 13.31 19.82 -10.89
N ASN A 384 13.05 18.72 -11.60
CA ASN A 384 11.80 18.55 -12.35
C ASN A 384 10.83 17.56 -11.74
N VAL A 385 11.24 16.90 -10.66
CA VAL A 385 10.45 15.82 -10.08
C VAL A 385 9.09 16.30 -9.55
N LYS A 386 9.08 17.40 -8.80
CA LYS A 386 7.84 17.92 -8.23
C LYS A 386 6.79 18.18 -9.32
N SER A 387 7.18 18.90 -10.37
CA SER A 387 6.28 19.20 -11.49
C SER A 387 5.81 17.94 -12.21
N ASN A 388 6.76 17.08 -12.57
CA ASN A 388 6.44 15.86 -13.31
C ASN A 388 5.47 15.00 -12.54
N VAL A 389 5.75 14.80 -11.25
CA VAL A 389 4.93 13.92 -10.43
C VAL A 389 3.53 14.49 -10.16
N ILE A 390 3.44 15.76 -9.76
CA ILE A 390 2.14 16.41 -9.57
C ILE A 390 1.28 16.31 -10.85
N ASN A 391 1.90 16.59 -12.00
CA ASN A 391 1.16 16.54 -13.26
C ASN A 391 0.73 15.15 -13.72
N GLN A 392 1.52 14.13 -13.38
CA GLN A 392 1.35 12.80 -14.01
C GLN A 392 0.90 11.68 -13.10
N ALA A 393 1.08 11.83 -11.79
CA ALA A 393 0.81 10.74 -10.85
C ALA A 393 -0.66 10.61 -10.49
N GLY A 394 -1.16 9.38 -10.49
CA GLY A 394 -2.50 9.07 -10.00
C GLY A 394 -3.49 8.61 -11.05
N ALA A 395 -4.66 8.19 -10.58
CA ALA A 395 -5.76 7.80 -11.46
C ALA A 395 -6.32 9.01 -12.18
N GLY A 396 -6.92 8.79 -13.35
CA GLY A 396 -7.57 9.87 -14.11
C GLY A 396 -6.59 10.81 -14.81
N LYS A 397 -5.37 10.34 -15.05
CA LYS A 397 -4.32 11.14 -15.70
C LYS A 397 -4.02 10.64 -17.11
N LEU A 398 -4.53 9.45 -17.43
CA LEU A 398 -4.44 8.85 -18.76
C LEU A 398 -5.87 8.65 -19.28
N ASN A 399 -6.35 7.40 -19.15
CA ASN A 399 -7.75 6.94 -19.29
C ASN A 399 -7.95 5.83 -20.33
#